data_5UBG
#
_entry.id   5UBG
#
_cell.length_a   67.458
_cell.length_b   80.460
_cell.length_c   92.728
_cell.angle_alpha   90.00
_cell.angle_beta   90.00
_cell.angle_gamma   90.00
#
_symmetry.space_group_name_H-M   'P 21 21 21'
#
loop_
_entity.id
_entity.type
_entity.pdbx_description
1 polymer 'ATP phosphoribosyltransferase'
2 non-polymer 'ZINC ION'
3 non-polymer 'PHOSPHORIBOSYL ATP'
4 non-polymer 'CHLORIDE ION'
5 water water
#
_entity_poly.entity_id   1
_entity_poly.type   'polypeptide(L)'
_entity_poly.pdbx_seq_one_letter_code
;GMQENTRLRIAIQKSGRLSKESIELLSECGVKMHIHEQSLIAFSTNLPIDILRVRDDDIPGLIFDGVVDLGIIGENVLEE
NELERQSLGENPSYKLLKKLDFGYCRLSLALPQENKFQNLKDFEGLRIATSYPQLLKRFMKENGINYKNCTLTGSVEVAP
RANLADAICDLVSSGATLQANNLKEVKVIYESRACLIQKENALSKEKQALVDKIMLRVAGVMQARE
;
_entity_poly.pdbx_strand_id   A,B
#
# COMPACT_ATOMS: atom_id res chain seq x y z
N ASN A 5 -26.73 -0.54 8.80
CA ASN A 5 -27.93 -1.31 8.37
C ASN A 5 -27.73 -2.85 8.47
N THR A 6 -28.48 -3.63 7.69
CA THR A 6 -28.75 -5.04 8.05
C THR A 6 -28.04 -6.10 7.20
N ARG A 7 -27.44 -5.69 6.10
CA ARG A 7 -26.81 -6.64 5.21
C ARG A 7 -25.40 -6.99 5.69
N LEU A 8 -25.07 -8.27 5.67
CA LEU A 8 -23.74 -8.78 6.00
C LEU A 8 -22.71 -8.29 4.99
N ARG A 9 -21.57 -7.79 5.47
CA ARG A 9 -20.54 -7.30 4.57
C ARG A 9 -19.37 -8.26 4.51
N ILE A 10 -19.05 -8.74 3.31
CA ILE A 10 -17.95 -9.64 3.07
C ILE A 10 -16.95 -9.01 2.10
N ALA A 11 -15.72 -8.82 2.56
CA ALA A 11 -14.67 -8.24 1.73
C ALA A 11 -13.84 -9.33 1.05
N ILE A 12 -13.64 -9.16 -0.26
CA ILE A 12 -12.78 -10.03 -1.05
C ILE A 12 -11.89 -9.18 -1.94
N GLN A 13 -10.82 -9.79 -2.44
CA GLN A 13 -9.90 -9.11 -3.33
C GLN A 13 -10.61 -8.75 -4.66
N LYS A 14 -10.49 -7.51 -5.07
CA LYS A 14 -11.10 -7.00 -6.30
C LYS A 14 -10.50 -7.68 -7.52
N SER A 15 -9.17 -7.68 -7.62
CA SER A 15 -8.49 -8.28 -8.77
C SER A 15 -7.11 -8.77 -8.37
N GLY A 16 -6.96 -10.07 -8.34
CA GLY A 16 -5.65 -10.65 -8.13
C GLY A 16 -5.82 -12.13 -7.92
N ARG A 17 -4.81 -12.73 -7.32
CA ARG A 17 -4.75 -14.19 -7.24
C ARG A 17 -5.84 -14.86 -6.42
N LEU A 18 -6.44 -14.14 -5.48
CA LEU A 18 -7.50 -14.71 -4.66
C LEU A 18 -8.90 -14.50 -5.18
N SER A 19 -9.07 -13.61 -6.17
CA SER A 19 -10.40 -13.15 -6.59
C SER A 19 -11.30 -14.28 -7.07
N LYS A 20 -10.80 -15.04 -8.05
CA LYS A 20 -11.62 -16.09 -8.71
C LYS A 20 -12.08 -17.16 -7.72
N GLU A 21 -11.13 -17.69 -6.95
CA GLU A 21 -11.46 -18.72 -5.97
C GLU A 21 -12.30 -18.20 -4.79
N SER A 22 -12.16 -16.93 -4.43
CA SER A 22 -13.03 -16.33 -3.41
C SER A 22 -14.47 -16.28 -3.89
N ILE A 23 -14.66 -15.83 -5.13
CA ILE A 23 -15.98 -15.72 -5.71
C ILE A 23 -16.60 -17.10 -5.87
N GLU A 24 -15.84 -18.02 -6.43
CA GLU A 24 -16.29 -19.41 -6.61
C GLU A 24 -16.68 -20.02 -5.28
N LEU A 25 -15.90 -19.79 -4.23
CA LEU A 25 -16.25 -20.33 -2.92
C LEU A 25 -17.60 -19.80 -2.48
N LEU A 26 -17.80 -18.49 -2.54
CA LEU A 26 -19.09 -17.91 -2.15
C LEU A 26 -20.25 -18.47 -2.96
N SER A 27 -20.11 -18.59 -4.27
CA SER A 27 -21.23 -19.05 -5.10
C SER A 27 -21.55 -20.50 -4.75
N GLU A 28 -20.52 -21.30 -4.58
CA GLU A 28 -20.66 -22.70 -4.18
C GLU A 28 -21.27 -22.84 -2.79
N CYS A 29 -21.16 -21.81 -1.97
CA CYS A 29 -21.90 -21.75 -0.71
C CYS A 29 -23.30 -21.10 -0.82
N GLY A 30 -23.79 -20.92 -2.05
CA GLY A 30 -25.16 -20.43 -2.25
C GLY A 30 -25.37 -18.93 -2.13
N VAL A 31 -24.28 -18.16 -2.20
CA VAL A 31 -24.40 -16.71 -2.30
C VAL A 31 -24.38 -16.34 -3.79
N LYS A 32 -25.53 -15.94 -4.33
CA LYS A 32 -25.64 -15.55 -5.71
C LYS A 32 -25.47 -14.05 -5.82
N MET A 33 -24.72 -13.65 -6.83
CA MET A 33 -24.37 -12.26 -7.06
C MET A 33 -23.75 -12.22 -8.42
N HIS A 34 -23.76 -11.04 -9.00
CA HIS A 34 -23.07 -10.80 -10.25
C HIS A 34 -21.82 -10.01 -9.96
N ILE A 35 -20.69 -10.48 -10.46
CA ILE A 35 -19.45 -9.72 -10.37
C ILE A 35 -19.18 -9.27 -11.79
N HIS A 36 -19.32 -7.97 -12.03
CA HIS A 36 -19.05 -7.39 -13.32
C HIS A 36 -17.84 -6.47 -13.08
N GLU A 37 -17.98 -5.18 -13.28
CA GLU A 37 -16.89 -4.28 -12.98
C GLU A 37 -17.30 -3.30 -11.87
N GLN A 38 -18.03 -3.78 -10.87
CA GLN A 38 -18.44 -2.84 -9.82
C GLN A 38 -17.18 -2.29 -9.13
N SER A 39 -17.12 -0.98 -8.94
CA SER A 39 -15.91 -0.36 -8.39
C SER A 39 -15.63 -0.80 -6.95
N LEU A 40 -16.68 -1.07 -6.17
CA LEU A 40 -16.51 -1.40 -4.77
C LEU A 40 -17.53 -2.41 -4.24
N ILE A 41 -18.80 -2.26 -4.61
CA ILE A 41 -19.87 -3.07 -4.00
C ILE A 41 -20.67 -3.89 -5.00
N ALA A 42 -20.86 -5.17 -4.65
CA ALA A 42 -21.76 -6.09 -5.37
C ALA A 42 -22.81 -6.63 -4.41
N PHE A 43 -24.06 -6.75 -4.87
CA PHE A 43 -25.18 -7.06 -3.98
C PHE A 43 -25.61 -8.49 -4.24
N SER A 44 -25.70 -9.33 -3.20
CA SER A 44 -26.27 -10.66 -3.40
C SER A 44 -27.75 -10.51 -3.75
N THR A 45 -28.21 -11.29 -4.71
CA THR A 45 -29.60 -11.19 -5.17
C THR A 45 -30.53 -12.15 -4.45
N ASN A 46 -29.95 -13.13 -3.74
CA ASN A 46 -30.75 -14.10 -2.99
C ASN A 46 -30.57 -14.03 -1.48
N LEU A 47 -29.53 -13.38 -0.99
CA LEU A 47 -29.32 -13.26 0.44
C LEU A 47 -29.00 -11.82 0.83
N PRO A 48 -29.24 -11.45 2.10
CA PRO A 48 -28.90 -10.09 2.55
C PRO A 48 -27.39 -9.91 2.81
N ILE A 49 -26.59 -9.90 1.73
CA ILE A 49 -25.12 -9.88 1.79
C ILE A 49 -24.61 -8.89 0.74
N ASP A 50 -23.65 -8.06 1.15
CA ASP A 50 -22.93 -7.14 0.27
C ASP A 50 -21.49 -7.67 0.15
N ILE A 51 -20.98 -7.70 -1.08
CA ILE A 51 -19.64 -8.11 -1.34
C ILE A 51 -18.86 -6.85 -1.64
N LEU A 52 -17.80 -6.60 -0.86
CA LEU A 52 -16.94 -5.44 -1.07
C LEU A 52 -15.68 -5.89 -1.75
N ARG A 53 -15.47 -5.39 -2.95
CA ARG A 53 -14.29 -5.74 -3.75
C ARG A 53 -13.23 -4.67 -3.54
N VAL A 54 -12.15 -5.04 -2.86
CA VAL A 54 -11.13 -4.10 -2.44
C VAL A 54 -9.73 -4.67 -2.68
N ARG A 55 -8.73 -3.79 -2.58
CA ARG A 55 -7.32 -4.20 -2.64
C ARG A 55 -7.09 -5.15 -1.46
N ASP A 56 -6.38 -6.24 -1.68
CA ASP A 56 -6.26 -7.25 -0.61
C ASP A 56 -5.59 -6.66 0.64
N ASP A 57 -4.64 -5.76 0.44
CA ASP A 57 -3.95 -5.09 1.54
C ASP A 57 -4.86 -4.39 2.52
N ASP A 58 -6.04 -3.98 2.07
CA ASP A 58 -7.00 -3.27 2.93
C ASP A 58 -7.85 -4.21 3.77
N ILE A 59 -7.93 -5.50 3.42
CA ILE A 59 -8.89 -6.40 4.08
C ILE A 59 -8.63 -6.60 5.57
N PRO A 60 -7.37 -6.80 5.98
CA PRO A 60 -7.16 -6.94 7.42
C PRO A 60 -7.62 -5.74 8.24
N GLY A 61 -7.25 -4.52 7.80
CA GLY A 61 -7.67 -3.30 8.46
C GLY A 61 -9.17 -3.08 8.49
N LEU A 62 -9.86 -3.47 7.42
CA LEU A 62 -11.30 -3.37 7.39
C LEU A 62 -11.95 -4.31 8.43
N ILE A 63 -11.36 -5.47 8.61
CA ILE A 63 -11.81 -6.40 9.67
C ILE A 63 -11.44 -5.89 11.06
N PHE A 64 -10.17 -5.46 11.24
CA PHE A 64 -9.72 -4.92 12.54
C PHE A 64 -10.58 -3.74 12.96
N ASP A 65 -10.91 -2.86 12.01
CA ASP A 65 -11.68 -1.66 12.29
C ASP A 65 -13.20 -1.90 12.32
N GLY A 66 -13.63 -3.10 11.98
CA GLY A 66 -15.06 -3.46 12.06
C GLY A 66 -15.92 -2.88 10.95
N VAL A 67 -15.29 -2.47 9.84
CA VAL A 67 -15.98 -1.87 8.70
C VAL A 67 -16.77 -2.93 7.94
N VAL A 68 -16.20 -4.13 7.87
CA VAL A 68 -16.90 -5.27 7.28
C VAL A 68 -16.95 -6.39 8.30
N ASP A 69 -17.74 -7.42 7.99
CA ASP A 69 -18.03 -8.51 8.92
C ASP A 69 -17.15 -9.71 8.69
N LEU A 70 -16.99 -10.10 7.42
CA LEU A 70 -16.14 -11.21 7.02
C LEU A 70 -15.16 -10.75 5.97
N GLY A 71 -14.05 -11.48 5.86
CA GLY A 71 -13.05 -11.25 4.84
C GLY A 71 -12.30 -12.49 4.44
N ILE A 72 -11.91 -12.56 3.17
CA ILE A 72 -11.06 -13.64 2.65
C ILE A 72 -9.73 -13.03 2.23
N ILE A 73 -8.66 -13.49 2.88
CA ILE A 73 -7.36 -12.88 2.77
C ILE A 73 -6.25 -13.90 2.96
N GLY A 74 -5.10 -13.63 2.34
CA GLY A 74 -3.93 -14.48 2.57
C GLY A 74 -3.42 -14.27 3.98
N GLU A 75 -3.00 -15.34 4.65
CA GLU A 75 -2.44 -15.24 5.99
C GLU A 75 -1.25 -14.28 6.04
N ASN A 76 -0.45 -14.27 4.97
CA ASN A 76 0.70 -13.40 4.87
C ASN A 76 0.31 -11.93 5.03
N VAL A 77 -0.74 -11.50 4.32
CA VAL A 77 -1.16 -10.10 4.36
C VAL A 77 -1.83 -9.78 5.70
N LEU A 78 -2.62 -10.72 6.21
CA LEU A 78 -3.24 -10.57 7.53
C LEU A 78 -2.20 -10.36 8.61
N GLU A 79 -1.17 -11.20 8.61
CA GLU A 79 -0.14 -11.15 9.64
C GLU A 79 0.74 -9.89 9.50
N GLU A 80 1.14 -9.55 8.27
CA GLU A 80 1.89 -8.30 8.01
C GLU A 80 1.18 -7.09 8.60
N ASN A 81 -0.13 -6.99 8.36
CA ASN A 81 -0.90 -5.84 8.82
C ASN A 81 -1.21 -5.87 10.30
N GLU A 82 -1.44 -7.08 10.84
CA GLU A 82 -1.56 -7.24 12.29
C GLU A 82 -0.30 -6.69 12.98
N LEU A 83 0.87 -7.10 12.48
CA LEU A 83 2.14 -6.67 13.05
C LEU A 83 2.32 -5.17 12.95
N GLU A 84 1.98 -4.59 11.80
CA GLU A 84 2.06 -3.13 11.63
C GLU A 84 1.21 -2.40 12.70
N ARG A 85 -0.05 -2.81 12.81
CA ARG A 85 -0.98 -2.19 13.79
C ARG A 85 -0.47 -2.38 15.22
N GLN A 86 0.02 -3.57 15.55
CA GLN A 86 0.62 -3.78 16.89
C GLN A 86 1.83 -2.86 17.13
N SER A 87 2.67 -2.68 16.12
CA SER A 87 3.83 -1.80 16.25
C SER A 87 3.46 -0.33 16.41
N LEU A 88 2.27 0.04 15.92
CA LEU A 88 1.72 1.36 16.18
C LEU A 88 1.17 1.49 17.61
N GLY A 89 1.20 0.40 18.37
CA GLY A 89 0.66 0.40 19.73
C GLY A 89 -0.83 0.11 19.77
N GLU A 90 -1.41 -0.42 18.70
CA GLU A 90 -2.82 -0.75 18.69
C GLU A 90 -2.99 -2.20 19.05
N ASN A 91 -4.24 -2.63 19.20
CA ASN A 91 -4.59 -4.00 19.55
C ASN A 91 -5.56 -4.64 18.51
N PRO A 92 -5.07 -4.87 17.28
CA PRO A 92 -5.91 -5.44 16.23
C PRO A 92 -6.41 -6.82 16.63
N SER A 93 -7.67 -7.11 16.35
CA SER A 93 -8.28 -8.38 16.72
C SER A 93 -9.21 -8.89 15.64
N TYR A 94 -9.37 -10.21 15.59
CA TYR A 94 -10.21 -10.85 14.60
C TYR A 94 -10.46 -12.29 15.01
N LYS A 95 -11.51 -12.88 14.47
CA LYS A 95 -11.78 -14.31 14.60
C LYS A 95 -11.35 -15.06 13.34
N LEU A 96 -10.59 -16.15 13.50
CA LEU A 96 -10.29 -17.02 12.37
C LEU A 96 -11.39 -18.06 12.25
N LEU A 97 -12.12 -18.05 11.15
CA LEU A 97 -13.20 -19.01 10.94
C LEU A 97 -12.72 -20.27 10.26
N LYS A 98 -11.84 -20.12 9.27
CA LYS A 98 -11.41 -21.25 8.47
C LYS A 98 -10.15 -20.97 7.65
N LYS A 99 -9.21 -21.90 7.68
CA LYS A 99 -8.13 -21.90 6.71
C LYS A 99 -8.61 -22.61 5.47
N LEU A 100 -8.44 -21.98 4.32
CA LEU A 100 -9.08 -22.43 3.08
C LEU A 100 -8.09 -23.25 2.26
N ASP A 101 -8.59 -23.83 1.17
CA ASP A 101 -7.84 -24.77 0.34
C ASP A 101 -7.30 -24.12 -0.92
N PHE A 102 -6.93 -22.85 -0.86
CA PHE A 102 -6.29 -22.16 -1.99
C PHE A 102 -5.41 -21.03 -1.48
N GLY A 103 -4.71 -20.36 -2.39
CA GLY A 103 -3.80 -19.28 -2.05
C GLY A 103 -2.49 -19.74 -1.44
N TYR A 104 -2.18 -21.03 -1.52
CA TYR A 104 -0.93 -21.59 -0.99
C TYR A 104 0.30 -20.88 -1.53
N CYS A 105 1.19 -20.47 -0.64
CA CYS A 105 2.50 -19.93 -1.02
C CYS A 105 3.40 -19.84 0.19
N ARG A 106 4.67 -19.50 -0.07
CA ARG A 106 5.59 -19.28 1.02
C ARG A 106 6.36 -18.00 0.82
N LEU A 107 6.64 -17.34 1.94
CA LEU A 107 7.49 -16.15 1.97
C LEU A 107 8.88 -16.60 2.30
N SER A 108 9.81 -16.41 1.36
CA SER A 108 11.15 -16.95 1.49
C SER A 108 12.24 -15.94 1.20
N LEU A 109 13.36 -16.13 1.88
CA LEU A 109 14.58 -15.41 1.57
C LEU A 109 15.22 -16.05 0.35
N ALA A 110 15.68 -15.20 -0.57
CA ALA A 110 16.29 -15.63 -1.82
C ALA A 110 17.51 -14.77 -2.14
N LEU A 111 18.50 -15.42 -2.74
CA LEU A 111 19.79 -14.83 -3.07
C LEU A 111 20.09 -15.05 -4.56
N PRO A 112 20.96 -14.22 -5.14
CA PRO A 112 21.41 -14.49 -6.51
C PRO A 112 21.99 -15.91 -6.65
N GLN A 113 21.77 -16.56 -7.78
CA GLN A 113 22.14 -17.98 -7.95
C GLN A 113 23.59 -18.28 -7.66
N GLU A 114 24.47 -17.38 -8.09
CA GLU A 114 25.92 -17.58 -7.98
C GLU A 114 26.45 -17.23 -6.59
N ASN A 115 25.60 -17.24 -5.58
CA ASN A 115 25.94 -16.75 -4.25
C ASN A 115 26.28 -17.88 -3.30
N LYS A 116 27.27 -17.66 -2.45
CA LYS A 116 27.65 -18.64 -1.42
C LYS A 116 26.63 -18.60 -0.29
N PHE A 117 25.80 -19.65 -0.20
CA PHE A 117 24.88 -19.81 0.92
C PHE A 117 25.16 -21.06 1.74
N GLN A 118 25.70 -20.83 2.94
CA GLN A 118 25.90 -21.86 3.95
C GLN A 118 24.78 -21.81 4.98
N ASN A 119 24.47 -20.59 5.41
CA ASN A 119 23.85 -20.33 6.71
C ASN A 119 22.92 -19.12 6.64
N LEU A 120 22.03 -19.02 7.62
CA LEU A 120 21.27 -17.80 7.83
C LEU A 120 22.16 -16.62 8.19
N LYS A 121 23.26 -16.87 8.89
CA LYS A 121 24.26 -15.84 9.20
C LYS A 121 24.83 -15.17 7.94
N ASP A 122 24.68 -15.80 6.77
CA ASP A 122 25.11 -15.19 5.50
C ASP A 122 24.29 -13.97 5.11
N PHE A 123 23.14 -13.77 5.75
CA PHE A 123 22.34 -12.56 5.52
C PHE A 123 22.77 -11.37 6.38
N GLU A 124 23.65 -11.58 7.35
CA GLU A 124 24.13 -10.50 8.24
C GLU A 124 24.59 -9.28 7.44
N GLY A 125 24.04 -8.12 7.76
CA GLY A 125 24.42 -6.86 7.11
C GLY A 125 23.95 -6.66 5.67
N LEU A 126 23.18 -7.58 5.11
CA LEU A 126 22.73 -7.46 3.72
C LEU A 126 21.51 -6.55 3.62
N ARG A 127 21.37 -5.89 2.47
CA ARG A 127 20.16 -5.12 2.15
C ARG A 127 19.16 -6.11 1.55
N ILE A 128 17.96 -6.18 2.13
CA ILE A 128 16.98 -7.17 1.73
C ILE A 128 15.72 -6.43 1.31
N ALA A 129 15.32 -6.61 0.03
CA ALA A 129 14.13 -6.03 -0.53
C ALA A 129 12.92 -6.92 -0.24
N THR A 130 11.81 -6.31 0.16
CA THR A 130 10.59 -7.08 0.43
C THR A 130 9.35 -6.19 0.39
N SER A 131 8.19 -6.80 0.13
CA SER A 131 6.88 -6.16 0.34
C SER A 131 6.32 -6.48 1.73
N TYR A 132 7.04 -7.29 2.50
CA TYR A 132 6.58 -7.72 3.83
C TYR A 132 7.62 -7.36 4.90
N PRO A 133 7.86 -6.05 5.10
CA PRO A 133 8.91 -5.67 6.06
C PRO A 133 8.69 -6.12 7.50
N GLN A 134 7.44 -6.21 7.95
CA GLN A 134 7.18 -6.60 9.35
C GLN A 134 7.46 -8.08 9.55
N LEU A 135 7.00 -8.92 8.60
CA LEU A 135 7.26 -10.35 8.68
C LEU A 135 8.75 -10.62 8.65
N LEU A 136 9.45 -9.92 7.76
CA LEU A 136 10.89 -10.06 7.68
C LEU A 136 11.59 -9.62 8.97
N LYS A 137 11.24 -8.43 9.45
CA LYS A 137 11.80 -7.90 10.69
C LYS A 137 11.67 -8.87 11.86
N ARG A 138 10.48 -9.41 12.04
CA ARG A 138 10.26 -10.37 13.12
C ARG A 138 11.10 -11.64 13.00
N PHE A 139 11.14 -12.23 11.81
CA PHE A 139 11.94 -13.42 11.58
C PHE A 139 13.40 -13.17 11.90
N MET A 140 13.94 -12.07 11.38
CA MET A 140 15.35 -11.76 11.55
C MET A 140 15.70 -11.45 13.02
N LYS A 141 14.83 -10.73 13.71
CA LYS A 141 14.97 -10.52 15.17
C LYS A 141 14.97 -11.84 15.96
N GLU A 142 13.97 -12.69 15.70
CA GLU A 142 13.88 -14.03 16.31
C GLU A 142 15.15 -14.86 16.13
N ASN A 143 15.81 -14.71 14.98
CA ASN A 143 17.03 -15.47 14.68
C ASN A 143 18.31 -14.69 14.94
N GLY A 144 18.19 -13.48 15.49
CA GLY A 144 19.36 -12.65 15.84
C GLY A 144 20.23 -12.25 14.67
N ILE A 145 19.65 -11.94 13.51
CA ILE A 145 20.42 -11.52 12.34
C ILE A 145 20.11 -10.07 12.00
N ASN A 146 21.14 -9.25 11.94
CA ASN A 146 21.00 -7.82 11.60
C ASN A 146 21.00 -7.66 10.09
N TYR A 147 20.22 -6.70 9.58
CA TYR A 147 20.09 -6.49 8.14
C TYR A 147 19.60 -5.07 7.86
N LYS A 148 19.57 -4.71 6.58
CA LYS A 148 19.06 -3.41 6.16
C LYS A 148 17.83 -3.60 5.28
N ASN A 149 16.77 -2.87 5.61
CA ASN A 149 15.50 -3.02 4.93
C ASN A 149 15.40 -2.20 3.65
N CYS A 150 14.76 -2.79 2.64
CA CYS A 150 14.29 -2.07 1.45
C CYS A 150 12.85 -2.49 1.17
N THR A 151 11.91 -1.57 1.38
CA THR A 151 10.50 -1.86 1.10
C THR A 151 10.09 -1.46 -0.30
N LEU A 152 9.66 -2.45 -1.08
CA LEU A 152 9.12 -2.24 -2.41
C LEU A 152 7.82 -3.00 -2.55
N THR A 153 6.81 -2.32 -3.10
CA THR A 153 5.48 -2.91 -3.20
C THR A 153 5.37 -3.86 -4.39
N GLY A 154 6.15 -3.60 -5.43
CA GLY A 154 6.21 -4.48 -6.60
C GLY A 154 7.60 -4.59 -7.22
N SER A 155 7.74 -5.50 -8.17
CA SER A 155 9.02 -5.78 -8.82
C SER A 155 10.17 -6.05 -7.82
N VAL A 156 9.84 -6.72 -6.70
CA VAL A 156 10.81 -7.07 -5.70
C VAL A 156 11.95 -7.91 -6.28
N GLU A 157 11.61 -8.84 -7.18
CA GLU A 157 12.59 -9.80 -7.71
C GLU A 157 13.65 -9.13 -8.56
N VAL A 158 13.34 -7.93 -9.03
CA VAL A 158 14.24 -7.11 -9.85
C VAL A 158 15.21 -6.26 -9.01
N ALA A 159 15.00 -6.20 -7.69
CA ALA A 159 15.81 -5.31 -6.86
C ALA A 159 17.30 -5.65 -6.87
N PRO A 160 17.64 -6.95 -6.78
CA PRO A 160 19.08 -7.23 -6.81
C PRO A 160 19.74 -6.76 -8.11
N ARG A 161 19.11 -7.06 -9.26
CA ARG A 161 19.60 -6.64 -10.58
C ARG A 161 19.71 -5.12 -10.72
N ALA A 162 18.77 -4.41 -10.12
CA ALA A 162 18.80 -2.97 -10.06
C ALA A 162 19.80 -2.42 -9.02
N ASN A 163 20.54 -3.30 -8.35
CA ASN A 163 21.50 -2.92 -7.31
C ASN A 163 20.89 -2.12 -6.14
N LEU A 164 19.62 -2.38 -5.83
CA LEU A 164 18.97 -1.78 -4.67
C LEU A 164 19.11 -2.66 -3.46
N ALA A 165 19.36 -3.95 -3.68
CA ALA A 165 19.42 -4.91 -2.60
C ALA A 165 20.36 -6.06 -2.94
N ASP A 166 20.77 -6.77 -1.91
CA ASP A 166 21.64 -7.94 -2.02
C ASP A 166 20.85 -9.23 -2.07
N ALA A 167 19.58 -9.14 -1.66
CA ALA A 167 18.75 -10.31 -1.44
C ALA A 167 17.31 -9.86 -1.40
N ILE A 168 16.39 -10.81 -1.48
CA ILE A 168 14.97 -10.51 -1.37
C ILE A 168 14.26 -11.45 -0.38
N CYS A 169 13.11 -10.99 0.07
CA CYS A 169 12.18 -11.82 0.82
C CYS A 169 10.83 -11.68 0.11
N ASP A 170 10.40 -12.73 -0.57
CA ASP A 170 9.25 -12.64 -1.45
C ASP A 170 8.47 -13.93 -1.50
N LEU A 171 7.25 -13.83 -2.00
CA LEU A 171 6.34 -14.93 -2.10
C LEU A 171 6.74 -15.83 -3.25
N VAL A 172 6.62 -17.14 -3.01
CA VAL A 172 6.99 -18.17 -3.96
C VAL A 172 5.87 -19.19 -3.98
N SER A 173 5.46 -19.60 -5.18
CA SER A 173 4.60 -20.77 -5.35
C SER A 173 5.31 -21.80 -6.20
N SER A 174 5.38 -21.57 -7.51
CA SER A 174 6.01 -22.50 -8.45
C SER A 174 7.53 -22.36 -8.51
N GLY A 175 8.03 -21.16 -8.22
CA GLY A 175 9.46 -20.89 -8.26
C GLY A 175 9.95 -20.39 -9.61
N ALA A 176 9.05 -20.29 -10.59
CA ALA A 176 9.42 -19.84 -11.94
C ALA A 176 9.92 -18.39 -11.98
N THR A 177 9.34 -17.51 -11.16
CA THR A 177 9.78 -16.12 -11.11
C THR A 177 11.20 -15.99 -10.56
N LEU A 178 11.52 -16.78 -9.54
CA LEU A 178 12.87 -16.75 -8.99
C LEU A 178 13.86 -17.20 -10.07
N GLN A 179 13.51 -18.29 -10.74
CA GLN A 179 14.39 -18.82 -11.79
C GLN A 179 14.55 -17.86 -12.95
N ALA A 180 13.46 -17.20 -13.35
CA ALA A 180 13.54 -16.19 -14.41
C ALA A 180 14.51 -15.07 -14.07
N ASN A 181 14.65 -14.76 -12.77
CA ASN A 181 15.51 -13.67 -12.32
C ASN A 181 16.84 -14.14 -11.78
N ASN A 182 17.15 -15.41 -12.04
CA ASN A 182 18.41 -15.99 -11.64
C ASN A 182 18.66 -15.89 -10.13
N LEU A 183 17.60 -16.12 -9.36
CA LEU A 183 17.66 -16.16 -7.90
C LEU A 183 17.32 -17.58 -7.43
N LYS A 184 17.81 -17.92 -6.24
CA LYS A 184 17.48 -19.20 -5.63
C LYS A 184 16.91 -19.00 -4.23
N GLU A 185 15.90 -19.81 -3.92
CA GLU A 185 15.23 -19.80 -2.64
C GLU A 185 16.11 -20.52 -1.61
N VAL A 186 16.48 -19.82 -0.54
CA VAL A 186 17.38 -20.42 0.46
C VAL A 186 16.75 -20.70 1.82
N LYS A 187 15.68 -19.99 2.16
CA LYS A 187 15.05 -20.15 3.48
C LYS A 187 13.60 -19.69 3.51
N VAL A 188 12.70 -20.61 3.82
CA VAL A 188 11.30 -20.27 4.03
C VAL A 188 11.12 -19.59 5.38
N ILE A 189 10.49 -18.41 5.43
CA ILE A 189 10.22 -17.75 6.72
C ILE A 189 8.76 -17.72 7.15
N TYR A 190 7.83 -18.03 6.24
CA TYR A 190 6.42 -18.01 6.57
C TYR A 190 5.68 -18.78 5.51
N GLU A 191 4.76 -19.64 5.96
CA GLU A 191 3.89 -20.42 5.07
C GLU A 191 2.49 -19.85 5.13
N SER A 192 1.87 -19.65 3.97
CA SER A 192 0.57 -18.98 3.94
C SER A 192 -0.43 -19.70 3.06
N ARG A 193 -1.70 -19.50 3.39
CA ARG A 193 -2.83 -19.88 2.55
C ARG A 193 -3.93 -18.86 2.80
N ALA A 194 -4.95 -18.86 1.95
CA ALA A 194 -6.11 -17.98 2.15
C ALA A 194 -6.87 -18.43 3.39
N CYS A 195 -7.45 -17.47 4.09
CA CYS A 195 -8.27 -17.78 5.24
C CYS A 195 -9.50 -16.90 5.28
N LEU A 196 -10.52 -17.40 5.98
CA LEU A 196 -11.75 -16.65 6.18
C LEU A 196 -11.77 -16.16 7.62
N ILE A 197 -11.90 -14.84 7.76
CA ILE A 197 -11.87 -14.19 9.05
C ILE A 197 -13.11 -13.34 9.28
N GLN A 198 -13.34 -13.04 10.55
CA GLN A 198 -14.52 -12.29 10.97
C GLN A 198 -14.07 -11.21 11.95
N LYS A 199 -14.75 -10.08 11.95
CA LYS A 199 -14.43 -9.03 12.91
C LYS A 199 -14.66 -9.50 14.36
N GLU A 200 -14.08 -8.77 15.30
CA GLU A 200 -14.09 -9.19 16.70
C GLU A 200 -15.43 -8.99 17.39
N ASN A 201 -16.02 -7.82 17.23
CA ASN A 201 -17.28 -7.53 17.92
C ASN A 201 -18.44 -8.39 17.42
N ALA A 202 -19.24 -8.85 18.36
CA ALA A 202 -20.35 -9.76 18.08
C ALA A 202 -21.27 -9.18 17.02
N LEU A 203 -21.73 -10.06 16.14
CA LEU A 203 -22.74 -9.71 15.15
C LEU A 203 -24.10 -9.83 15.78
N SER A 204 -25.09 -9.21 15.13
CA SER A 204 -26.50 -9.42 15.46
C SER A 204 -26.84 -10.90 15.33
N LYS A 205 -27.90 -11.32 16.00
CA LYS A 205 -28.31 -12.71 15.95
C LYS A 205 -28.54 -13.15 14.50
N GLU A 206 -29.19 -12.30 13.72
CA GLU A 206 -29.52 -12.62 12.31
C GLU A 206 -28.26 -12.80 11.48
N LYS A 207 -27.33 -11.87 11.62
CA LYS A 207 -26.09 -11.98 10.86
C LYS A 207 -25.24 -13.18 11.27
N GLN A 208 -25.17 -13.46 12.58
CA GLN A 208 -24.40 -14.60 13.04
C GLN A 208 -24.99 -15.91 12.53
N ALA A 209 -26.32 -16.02 12.53
CA ALA A 209 -26.99 -17.21 12.01
C ALA A 209 -26.68 -17.40 10.54
N LEU A 210 -26.64 -16.29 9.80
CA LEU A 210 -26.28 -16.34 8.40
C LEU A 210 -24.82 -16.79 8.23
N VAL A 211 -23.92 -16.28 9.07
CA VAL A 211 -22.52 -16.73 9.02
C VAL A 211 -22.43 -18.23 9.33
N ASP A 212 -23.16 -18.67 10.36
CA ASP A 212 -23.15 -20.09 10.73
C ASP A 212 -23.54 -20.98 9.55
N LYS A 213 -24.61 -20.58 8.86
CA LYS A 213 -25.14 -21.28 7.69
C LYS A 213 -24.10 -21.33 6.57
N ILE A 214 -23.46 -20.20 6.29
CA ILE A 214 -22.38 -20.15 5.31
C ILE A 214 -21.22 -21.08 5.69
N MET A 215 -20.82 -21.08 6.95
CA MET A 215 -19.71 -21.91 7.42
C MET A 215 -19.92 -23.41 7.23
N LEU A 216 -21.13 -23.90 7.51
CA LEU A 216 -21.48 -25.29 7.21
C LEU A 216 -21.26 -25.61 5.73
N ARG A 217 -21.66 -24.70 4.85
N ARG A 217 -21.65 -24.69 4.84
CA ARG A 217 -21.49 -24.92 3.40
CA ARG A 217 -21.47 -24.91 3.41
C ARG A 217 -20.00 -24.86 2.98
C ARG A 217 -20.00 -24.86 2.98
N VAL A 218 -19.24 -23.94 3.57
CA VAL A 218 -17.78 -23.85 3.29
C VAL A 218 -17.11 -25.19 3.59
N ALA A 219 -17.41 -25.74 4.76
CA ALA A 219 -16.92 -27.06 5.15
C ALA A 219 -17.29 -28.15 4.13
N GLY A 220 -18.56 -28.19 3.75
CA GLY A 220 -19.04 -29.17 2.77
C GLY A 220 -18.39 -29.02 1.41
N VAL A 221 -18.20 -27.77 0.97
CA VAL A 221 -17.54 -27.51 -0.31
C VAL A 221 -16.09 -27.99 -0.30
N MET A 222 -15.37 -27.70 0.78
CA MET A 222 -13.95 -28.10 0.88
C MET A 222 -13.77 -29.62 0.96
N GLN A 223 -14.67 -30.29 1.68
CA GLN A 223 -14.65 -31.77 1.75
C GLN A 223 -14.86 -32.39 0.38
N ALA A 224 -15.82 -31.86 -0.37
CA ALA A 224 -16.12 -32.33 -1.72
C ALA A 224 -15.01 -32.05 -2.76
N ARG A 225 -14.11 -31.12 -2.44
CA ARG A 225 -12.98 -30.78 -3.31
C ARG A 225 -11.70 -31.58 -3.02
N GLU A 226 -11.74 -32.47 -2.01
CA GLU A 226 -10.57 -33.13 -1.42
C GLU A 226 -10.02 -32.32 -0.25
N ASN B 5 28.17 1.84 -5.17
CA ASN B 5 27.66 2.59 -6.36
C ASN B 5 28.07 4.04 -6.27
N THR B 6 28.63 4.57 -7.36
CA THR B 6 28.95 5.99 -7.46
C THR B 6 27.93 6.73 -8.34
N ARG B 7 26.95 6.00 -8.89
CA ARG B 7 25.90 6.63 -9.66
C ARG B 7 24.82 7.13 -8.71
N LEU B 8 24.38 8.36 -8.93
CA LEU B 8 23.32 8.96 -8.16
C LEU B 8 22.00 8.25 -8.43
N ARG B 9 21.25 7.91 -7.38
CA ARG B 9 19.97 7.22 -7.57
C ARG B 9 18.81 8.19 -7.31
N ILE B 10 17.94 8.33 -8.30
CA ILE B 10 16.77 9.16 -8.22
C ILE B 10 15.52 8.28 -8.41
N ALA B 11 14.63 8.28 -7.42
CA ALA B 11 13.36 7.55 -7.52
C ALA B 11 12.21 8.44 -7.99
N ILE B 12 11.46 7.96 -8.98
CA ILE B 12 10.28 8.65 -9.50
C ILE B 12 9.14 7.66 -9.65
N GLN B 13 7.93 8.17 -9.74
CA GLN B 13 6.75 7.31 -9.93
C GLN B 13 6.83 6.61 -11.28
N LYS B 14 6.63 5.30 -11.27
CA LYS B 14 6.66 4.50 -12.49
C LYS B 14 5.51 4.86 -13.42
N SER B 15 4.30 4.86 -12.88
CA SER B 15 3.12 5.12 -13.69
C SER B 15 2.01 5.75 -12.85
N GLY B 16 1.75 7.02 -13.12
CA GLY B 16 0.65 7.69 -12.48
C GLY B 16 0.75 9.17 -12.75
N ARG B 17 0.08 9.94 -11.93
CA ARG B 17 -0.06 11.37 -12.15
C ARG B 17 1.25 12.18 -12.12
N LEU B 18 2.28 11.69 -11.45
CA LEU B 18 3.56 12.42 -11.38
C LEU B 18 4.60 12.00 -12.41
N SER B 19 4.36 10.88 -13.11
CA SER B 19 5.39 10.26 -13.96
C SER B 19 5.88 11.15 -15.07
N LYS B 20 4.95 11.64 -15.88
CA LYS B 20 5.30 12.43 -17.07
C LYS B 20 6.05 13.72 -16.71
N GLU B 21 5.52 14.46 -15.74
CA GLU B 21 6.17 15.71 -15.32
C GLU B 21 7.49 15.51 -14.57
N SER B 22 7.62 14.38 -13.86
CA SER B 22 8.90 14.06 -13.24
C SER B 22 9.96 13.83 -14.31
N ILE B 23 9.62 13.04 -15.33
CA ILE B 23 10.56 12.73 -16.40
C ILE B 23 10.92 14.01 -17.17
N GLU B 24 9.90 14.79 -17.54
CA GLU B 24 10.11 16.08 -18.22
C GLU B 24 10.99 17.05 -17.42
N LEU B 25 10.78 17.14 -16.11
CA LEU B 25 11.64 18.03 -15.31
C LEU B 25 13.09 17.59 -15.44
N LEU B 26 13.33 16.28 -15.28
CA LEU B 26 14.70 15.80 -15.33
C LEU B 26 15.35 16.11 -16.68
N SER B 27 14.63 15.90 -17.78
CA SER B 27 15.21 16.13 -19.09
C SER B 27 15.52 17.61 -19.27
N GLU B 28 14.60 18.47 -18.84
CA GLU B 28 14.79 19.92 -18.88
C GLU B 28 15.96 20.39 -18.02
N CYS B 29 16.33 19.61 -17.00
CA CYS B 29 17.57 19.85 -16.26
C CYS B 29 18.81 19.16 -16.85
N GLY B 30 18.69 18.66 -18.08
CA GLY B 30 19.84 18.09 -18.77
C GLY B 30 20.18 16.66 -18.40
N VAL B 31 19.25 15.94 -17.77
CA VAL B 31 19.41 14.51 -17.54
C VAL B 31 18.70 13.79 -18.69
N LYS B 32 19.47 13.27 -19.63
CA LYS B 32 18.91 12.54 -20.75
C LYS B 32 18.77 11.11 -20.28
N MET B 33 17.72 10.42 -20.71
CA MET B 33 17.50 9.06 -20.19
C MET B 33 16.81 8.05 -21.14
N HIS B 34 17.06 6.78 -20.87
CA HIS B 34 16.49 5.67 -21.63
C HIS B 34 15.48 4.96 -20.72
N ILE B 35 14.23 4.89 -21.17
CA ILE B 35 13.13 4.37 -20.38
C ILE B 35 12.45 3.21 -21.10
N HIS B 36 12.42 2.03 -20.48
N HIS B 36 12.27 2.10 -20.38
CA HIS B 36 11.48 0.99 -20.92
CA HIS B 36 11.53 0.93 -20.85
C HIS B 36 10.23 0.92 -20.05
C HIS B 36 10.22 0.82 -20.05
N GLU B 37 9.07 1.03 -20.72
CA GLU B 37 7.80 1.38 -20.05
C GLU B 37 7.37 0.53 -18.85
N GLN B 38 7.62 -0.78 -18.94
CA GLN B 38 7.31 -1.73 -17.87
C GLN B 38 8.47 -2.08 -16.91
N SER B 39 9.58 -1.35 -16.93
CA SER B 39 10.76 -1.71 -16.12
C SER B 39 11.11 -0.78 -14.94
N LEU B 40 11.48 -1.39 -13.80
CA LEU B 40 12.02 -0.70 -12.61
C LEU B 40 13.20 0.24 -12.87
N ILE B 41 14.14 -0.18 -13.69
CA ILE B 41 15.33 0.64 -13.79
C ILE B 41 15.42 1.28 -15.14
N ALA B 42 15.69 2.58 -15.11
CA ALA B 42 15.96 3.38 -16.27
C ALA B 42 17.27 4.02 -15.84
N PHE B 43 18.03 4.52 -16.79
CA PHE B 43 19.27 5.20 -16.45
C PHE B 43 19.45 6.41 -17.33
N SER B 44 20.40 7.25 -16.92
CA SER B 44 20.82 8.40 -17.70
C SER B 44 21.90 8.06 -18.73
N THR B 45 21.72 8.58 -19.94
CA THR B 45 22.64 8.27 -21.03
C THR B 45 23.80 9.27 -21.11
N ASN B 46 23.67 10.42 -20.43
CA ASN B 46 24.72 11.45 -20.41
C ASN B 46 25.32 11.80 -19.01
N LEU B 47 24.69 11.36 -17.94
CA LEU B 47 25.22 11.63 -16.59
C LEU B 47 25.23 10.36 -15.76
N PRO B 48 26.07 10.33 -14.70
CA PRO B 48 26.13 9.14 -13.84
C PRO B 48 24.96 9.09 -12.87
N ILE B 49 23.77 8.82 -13.41
CA ILE B 49 22.51 8.85 -12.67
C ILE B 49 21.68 7.62 -13.05
N ASP B 50 21.14 6.93 -12.04
CA ASP B 50 20.20 5.83 -12.24
C ASP B 50 18.83 6.32 -11.83
N ILE B 51 17.81 5.98 -12.61
CA ILE B 51 16.44 6.39 -12.32
C ILE B 51 15.70 5.12 -11.94
N LEU B 52 15.12 5.13 -10.75
CA LEU B 52 14.33 4.00 -10.26
C LEU B 52 12.85 4.35 -10.36
N ARG B 53 12.13 3.59 -11.18
CA ARG B 53 10.71 3.79 -11.44
C ARG B 53 9.89 2.86 -10.55
N VAL B 54 9.22 3.44 -9.56
CA VAL B 54 8.59 2.67 -8.49
C VAL B 54 7.19 3.18 -8.19
N ARG B 55 6.43 2.41 -7.41
CA ARG B 55 5.13 2.86 -6.90
C ARG B 55 5.41 4.09 -6.02
N ASP B 56 4.60 5.13 -6.15
CA ASP B 56 4.89 6.37 -5.45
C ASP B 56 4.92 6.17 -3.93
N ASP B 57 4.06 5.28 -3.43
CA ASP B 57 3.99 4.98 -1.99
C ASP B 57 5.30 4.52 -1.38
N ASP B 58 6.17 3.94 -2.19
CA ASP B 58 7.45 3.43 -1.74
C ASP B 58 8.52 4.51 -1.65
N ILE B 59 8.33 5.65 -2.33
CA ILE B 59 9.42 6.62 -2.46
C ILE B 59 9.86 7.21 -1.11
N PRO B 60 8.91 7.62 -0.26
CA PRO B 60 9.38 8.15 1.03
C PRO B 60 10.28 7.17 1.80
N GLY B 61 9.85 5.91 1.90
CA GLY B 61 10.62 4.90 2.59
C GLY B 61 11.98 4.65 2.00
N LEU B 62 12.08 4.71 0.67
CA LEU B 62 13.36 4.50 0.01
C LEU B 62 14.32 5.64 0.38
N ILE B 63 13.79 6.84 0.53
CA ILE B 63 14.59 8.00 0.97
C ILE B 63 14.92 7.88 2.46
N PHE B 64 13.92 7.59 3.29
CA PHE B 64 14.14 7.44 4.74
C PHE B 64 15.21 6.37 5.01
N ASP B 65 15.14 5.26 4.25
CA ASP B 65 16.05 4.13 4.43
C ASP B 65 17.39 4.29 3.69
N GLY B 66 17.54 5.36 2.92
CA GLY B 66 18.80 5.65 2.25
C GLY B 66 19.10 4.76 1.04
N VAL B 67 18.08 4.09 0.51
CA VAL B 67 18.21 3.16 -0.62
C VAL B 67 18.49 3.97 -1.91
N VAL B 68 17.86 5.14 -2.01
CA VAL B 68 18.11 6.09 -3.10
C VAL B 68 18.53 7.43 -2.52
N ASP B 69 19.04 8.30 -3.40
CA ASP B 69 19.60 9.59 -3.00
C ASP B 69 18.57 10.71 -3.09
N LEU B 70 17.84 10.76 -4.20
CA LEU B 70 16.81 11.76 -4.45
C LEU B 70 15.50 11.09 -4.78
N GLY B 71 14.41 11.82 -4.57
CA GLY B 71 13.09 11.36 -4.92
C GLY B 71 12.14 12.50 -5.25
N ILE B 72 11.20 12.24 -6.15
CA ILE B 72 10.15 13.17 -6.49
C ILE B 72 8.83 12.52 -6.08
N ILE B 73 8.12 13.18 -5.19
CA ILE B 73 6.95 12.61 -4.55
C ILE B 73 5.97 13.70 -4.15
N GLY B 74 4.68 13.34 -4.09
CA GLY B 74 3.69 14.27 -3.56
C GLY B 74 3.91 14.47 -2.06
N GLU B 75 3.78 15.71 -1.59
CA GLU B 75 3.90 16.01 -0.17
C GLU B 75 2.94 15.16 0.68
N ASN B 76 1.74 14.92 0.15
CA ASN B 76 0.74 14.10 0.85
C ASN B 76 1.28 12.72 1.19
N VAL B 77 1.90 12.07 0.21
CA VAL B 77 2.40 10.69 0.42
C VAL B 77 3.63 10.72 1.32
N LEU B 78 4.50 11.72 1.13
CA LEU B 78 5.64 11.92 2.04
C LEU B 78 5.22 12.06 3.51
N GLU B 79 4.24 12.92 3.75
CA GLU B 79 3.81 13.22 5.12
C GLU B 79 3.07 12.05 5.75
N GLU B 80 2.18 11.41 4.99
CA GLU B 80 1.52 10.18 5.44
C GLU B 80 2.52 9.13 5.91
N ASN B 81 3.56 8.88 5.11
CA ASN B 81 4.56 7.87 5.44
C ASN B 81 5.52 8.30 6.54
N GLU B 82 5.86 9.58 6.60
CA GLU B 82 6.62 10.11 7.74
C GLU B 82 5.87 9.88 9.06
N LEU B 83 4.58 10.21 9.07
CA LEU B 83 3.76 10.00 10.27
C LEU B 83 3.64 8.52 10.64
N GLU B 84 3.43 7.67 9.64
CA GLU B 84 3.39 6.23 9.87
C GLU B 84 4.67 5.75 10.55
N ARG B 85 5.82 6.06 9.94
CA ARG B 85 7.12 5.62 10.46
C ARG B 85 7.36 6.16 11.87
N GLN B 86 7.04 7.43 12.12
CA GLN B 86 7.15 7.97 13.47
C GLN B 86 6.28 7.21 14.47
N SER B 87 5.06 6.88 14.05
CA SER B 87 4.15 6.16 14.93
C SER B 87 4.59 4.74 15.19
N LEU B 88 5.39 4.17 14.28
CA LEU B 88 6.02 2.88 14.51
C LEU B 88 7.20 2.97 15.46
N GLY B 89 7.53 4.19 15.92
CA GLY B 89 8.66 4.38 16.80
C GLY B 89 9.97 4.55 16.05
N GLU B 90 9.90 4.86 14.75
CA GLU B 90 11.13 5.10 13.98
C GLU B 90 11.37 6.62 13.86
N ASN B 91 12.51 6.98 13.30
CA ASN B 91 12.93 8.36 13.12
C ASN B 91 13.21 8.70 11.65
N PRO B 92 12.16 8.74 10.83
CA PRO B 92 12.36 9.02 9.42
C PRO B 92 12.89 10.43 9.24
N SER B 93 13.85 10.59 8.35
CA SER B 93 14.46 11.88 8.12
C SER B 93 14.72 12.07 6.63
N TYR B 94 14.74 13.33 6.21
CA TYR B 94 14.97 13.67 4.81
C TYR B 94 15.24 15.15 4.70
N LYS B 95 15.87 15.53 3.61
CA LYS B 95 16.05 16.93 3.23
C LYS B 95 15.03 17.31 2.17
N LEU B 96 14.34 18.44 2.35
CA LEU B 96 13.48 19.01 1.32
C LEU B 96 14.33 19.93 0.48
N LEU B 97 14.51 19.57 -0.78
CA LEU B 97 15.30 20.41 -1.69
C LEU B 97 14.46 21.48 -2.38
N LYS B 98 13.25 21.11 -2.81
CA LYS B 98 12.40 22.01 -3.57
C LYS B 98 10.94 21.57 -3.64
N LYS B 99 10.03 22.51 -3.43
CA LYS B 99 8.64 22.31 -3.78
C LYS B 99 8.45 22.63 -5.25
N LEU B 100 7.85 21.73 -5.99
CA LEU B 100 7.83 21.82 -7.46
C LEU B 100 6.52 22.41 -7.93
N ASP B 101 6.41 22.65 -9.24
CA ASP B 101 5.27 23.36 -9.80
C ASP B 101 4.29 22.44 -10.51
N PHE B 102 4.10 21.24 -9.98
CA PHE B 102 3.07 20.33 -10.49
C PHE B 102 2.61 19.44 -9.35
N GLY B 103 1.63 18.59 -9.63
CA GLY B 103 1.07 17.69 -8.62
C GLY B 103 0.16 18.35 -7.61
N TYR B 104 -0.26 19.60 -7.87
CA TYR B 104 -1.20 20.28 -6.98
C TYR B 104 -2.42 19.44 -6.64
N CYS B 105 -2.73 19.41 -5.35
CA CYS B 105 -3.99 18.89 -4.88
C CYS B 105 -4.18 19.22 -3.40
N ARG B 106 -5.37 18.93 -2.91
CA ARG B 106 -5.67 19.11 -1.51
C ARG B 106 -6.36 17.87 -0.98
N LEU B 107 -6.02 17.53 0.25
CA LEU B 107 -6.66 16.44 0.98
C LEU B 107 -7.77 17.06 1.79
N SER B 108 -9.02 16.71 1.46
CA SER B 108 -10.17 17.35 2.06
C SER B 108 -11.18 16.37 2.59
N LEU B 109 -11.86 16.79 3.64
CA LEU B 109 -13.06 16.09 4.10
C LEU B 109 -14.22 16.46 3.17
N ALA B 110 -14.99 15.45 2.79
CA ALA B 110 -16.13 15.61 1.90
C ALA B 110 -17.31 14.79 2.40
N LEU B 111 -18.51 15.32 2.17
CA LEU B 111 -19.78 14.74 2.62
C LEU B 111 -20.75 14.61 1.43
N PRO B 112 -21.76 13.75 1.57
CA PRO B 112 -22.78 13.68 0.50
C PRO B 112 -23.42 15.06 0.29
N GLN B 113 -23.77 15.39 -0.96
CA GLN B 113 -24.26 16.75 -1.33
C GLN B 113 -25.46 17.20 -0.50
N GLU B 114 -26.35 16.27 -0.21
CA GLU B 114 -27.60 16.55 0.50
C GLU B 114 -27.43 16.62 2.03
N ASN B 115 -26.22 16.82 2.51
CA ASN B 115 -25.90 16.70 3.93
C ASN B 115 -25.84 18.06 4.60
N LYS B 116 -26.33 18.13 5.84
CA LYS B 116 -26.26 19.35 6.64
C LYS B 116 -24.83 19.53 7.15
N PHE B 117 -24.11 20.49 6.58
CA PHE B 117 -22.78 20.87 7.08
C PHE B 117 -22.75 22.30 7.58
N GLN B 118 -22.67 22.43 8.90
CA GLN B 118 -22.44 23.71 9.55
C GLN B 118 -20.97 23.81 9.97
N ASN B 119 -20.44 22.71 10.50
CA ASN B 119 -19.33 22.75 11.41
C ASN B 119 -18.46 21.49 11.30
N LEU B 120 -17.20 21.58 11.74
CA LEU B 120 -16.36 20.39 11.87
C LEU B 120 -16.92 19.38 12.87
N LYS B 121 -17.61 19.87 13.90
CA LYS B 121 -18.29 19.00 14.85
C LYS B 121 -19.33 18.08 14.20
N ASP B 122 -19.78 18.42 12.99
CA ASP B 122 -20.68 17.54 12.23
C ASP B 122 -20.04 16.21 11.82
N PHE B 123 -18.71 16.10 11.91
CA PHE B 123 -18.03 14.83 11.67
C PHE B 123 -17.95 13.89 12.89
N GLU B 124 -18.31 14.40 14.07
CA GLU B 124 -18.28 13.59 15.31
C GLU B 124 -18.98 12.24 15.13
N GLY B 125 -18.28 11.15 15.44
CA GLY B 125 -18.84 9.80 15.37
C GLY B 125 -19.05 9.22 13.97
N LEU B 126 -18.67 9.94 12.92
CA LEU B 126 -18.89 9.45 11.56
C LEU B 126 -17.79 8.48 11.15
N ARG B 127 -18.16 7.54 10.27
CA ARG B 127 -17.19 6.63 9.64
C ARG B 127 -16.62 7.37 8.44
N ILE B 128 -15.30 7.49 8.39
CA ILE B 128 -14.64 8.32 7.37
C ILE B 128 -13.66 7.45 6.63
N ALA B 129 -13.88 7.31 5.32
CA ALA B 129 -13.04 6.53 4.44
C ALA B 129 -11.88 7.38 3.91
N THR B 130 -10.67 6.81 3.89
CA THR B 130 -9.48 7.54 3.42
C THR B 130 -8.34 6.60 3.06
N SER B 131 -7.48 7.03 2.13
CA SER B 131 -6.18 6.40 1.88
C SER B 131 -5.08 7.02 2.74
N TYR B 132 -5.44 8.03 3.53
CA TYR B 132 -4.47 8.78 4.33
C TYR B 132 -4.82 8.76 5.81
N PRO B 133 -4.82 7.56 6.43
CA PRO B 133 -5.34 7.47 7.81
C PRO B 133 -4.51 8.22 8.84
N GLN B 134 -3.20 8.34 8.63
CA GLN B 134 -2.38 9.12 9.57
C GLN B 134 -2.66 10.61 9.48
N LEU B 135 -2.73 11.13 8.27
CA LEU B 135 -3.04 12.55 8.07
C LEU B 135 -4.40 12.88 8.67
N LEU B 136 -5.37 12.01 8.43
CA LEU B 136 -6.70 12.21 8.96
C LEU B 136 -6.70 12.16 10.49
N LYS B 137 -6.08 11.12 11.04
CA LYS B 137 -5.99 10.96 12.50
C LYS B 137 -5.41 12.20 13.18
N ARG B 138 -4.30 12.68 12.66
CA ARG B 138 -3.65 13.88 13.22
C ARG B 138 -4.56 15.11 13.19
N PHE B 139 -5.18 15.36 12.06
CA PHE B 139 -6.09 16.50 11.92
C PHE B 139 -7.23 16.41 12.93
N MET B 140 -7.89 15.24 13.00
CA MET B 140 -9.04 15.07 13.87
C MET B 140 -8.66 15.17 15.35
N LYS B 141 -7.52 14.58 15.74
CA LYS B 141 -7.00 14.75 17.10
C LYS B 141 -6.74 16.22 17.46
N GLU B 142 -6.01 16.90 16.59
CA GLU B 142 -5.71 18.32 16.75
C GLU B 142 -6.98 19.18 16.89
N ASN B 143 -8.08 18.78 16.26
CA ASN B 143 -9.34 19.51 16.37
C ASN B 143 -10.34 18.89 17.36
N GLY B 144 -9.91 17.85 18.08
CA GLY B 144 -10.73 17.23 19.13
C GLY B 144 -12.03 16.62 18.64
N ILE B 145 -12.01 16.00 17.47
CA ILE B 145 -13.20 15.35 16.92
C ILE B 145 -12.99 13.85 16.86
N ASN B 146 -13.90 13.10 17.48
CA ASN B 146 -13.84 11.63 17.46
C ASN B 146 -14.52 11.09 16.21
N TYR B 147 -13.98 10.00 15.66
CA TYR B 147 -14.49 9.44 14.41
C TYR B 147 -14.09 7.97 14.30
N LYS B 148 -14.61 7.30 13.28
CA LYS B 148 -14.26 5.92 13.02
C LYS B 148 -13.57 5.80 11.67
N ASN B 149 -12.42 5.15 11.68
CA ASN B 149 -11.57 5.04 10.49
C ASN B 149 -12.00 3.93 9.55
N CYS B 150 -11.90 4.21 8.25
CA CYS B 150 -12.02 3.21 7.20
C CYS B 150 -10.88 3.46 6.20
N THR B 151 -9.89 2.57 6.20
CA THR B 151 -8.78 2.69 5.27
C THR B 151 -9.04 1.92 3.97
N LEU B 152 -9.10 2.66 2.87
CA LEU B 152 -9.19 2.10 1.53
C LEU B 152 -8.11 2.71 0.67
N THR B 153 -7.41 1.87 -0.09
CA THR B 153 -6.30 2.31 -0.93
C THR B 153 -6.78 2.97 -2.22
N GLY B 154 -7.95 2.56 -2.71
CA GLY B 154 -8.57 3.16 -3.90
C GLY B 154 -10.08 3.24 -3.81
N SER B 155 -10.69 3.86 -4.82
CA SER B 155 -12.13 3.99 -4.92
C SER B 155 -12.77 4.58 -3.67
N VAL B 156 -12.02 5.47 -3.01
CA VAL B 156 -12.48 6.07 -1.77
C VAL B 156 -13.80 6.81 -1.98
N GLU B 157 -13.93 7.48 -3.12
CA GLU B 157 -15.09 8.32 -3.37
C GLU B 157 -16.40 7.56 -3.49
N VAL B 158 -16.32 6.26 -3.77
CA VAL B 158 -17.52 5.43 -3.84
C VAL B 158 -17.96 4.87 -2.48
N ALA B 159 -17.15 5.05 -1.44
CA ALA B 159 -17.47 4.42 -0.13
C ALA B 159 -18.80 4.88 0.48
N PRO B 160 -19.10 6.20 0.44
CA PRO B 160 -20.40 6.60 0.98
C PRO B 160 -21.59 5.97 0.29
N ARG B 161 -21.62 6.04 -1.06
CA ARG B 161 -22.73 5.48 -1.84
C ARG B 161 -22.84 3.98 -1.60
N ALA B 162 -21.70 3.32 -1.37
CA ALA B 162 -21.68 1.89 -1.01
C ALA B 162 -22.06 1.62 0.45
N ASN B 163 -22.37 2.66 1.21
CA ASN B 163 -22.70 2.54 2.63
C ASN B 163 -21.58 1.91 3.49
N LEU B 164 -20.33 2.12 3.10
CA LEU B 164 -19.19 1.69 3.92
C LEU B 164 -18.70 2.84 4.83
N ALA B 165 -19.07 4.07 4.51
CA ALA B 165 -18.65 5.24 5.28
C ALA B 165 -19.69 6.36 5.14
N ASP B 166 -19.62 7.32 6.05
CA ASP B 166 -20.53 8.48 6.06
C ASP B 166 -19.93 9.66 5.35
N ALA B 167 -18.61 9.60 5.15
CA ALA B 167 -17.83 10.72 4.67
C ALA B 167 -16.50 10.20 4.18
N ILE B 168 -15.78 11.04 3.45
CA ILE B 168 -14.45 10.68 2.99
C ILE B 168 -13.44 11.77 3.28
N CYS B 169 -12.18 11.38 3.26
CA CYS B 169 -11.07 12.31 3.28
C CYS B 169 -10.19 11.91 2.10
N ASP B 170 -10.21 12.71 1.05
CA ASP B 170 -9.57 12.32 -0.21
C ASP B 170 -9.01 13.51 -0.95
N LEU B 171 -8.16 13.19 -1.91
CA LEU B 171 -7.49 14.18 -2.72
C LEU B 171 -8.45 14.77 -3.73
N VAL B 172 -8.32 16.08 -3.90
CA VAL B 172 -9.14 16.87 -4.80
C VAL B 172 -8.22 17.81 -5.59
N SER B 173 -8.39 17.89 -6.90
CA SER B 173 -7.76 18.96 -7.69
C SER B 173 -8.85 19.78 -8.40
N SER B 174 -9.47 19.20 -9.41
CA SER B 174 -10.52 19.90 -10.17
C SER B 174 -11.89 19.84 -9.48
N GLY B 175 -12.12 18.79 -8.71
CA GLY B 175 -13.39 18.61 -8.02
C GLY B 175 -14.40 17.80 -8.81
N ALA B 176 -14.05 17.42 -10.04
CA ALA B 176 -15.00 16.71 -10.93
C ALA B 176 -15.39 15.34 -10.38
N THR B 177 -14.46 14.64 -9.74
CA THR B 177 -14.75 13.32 -9.18
C THR B 177 -15.74 13.42 -8.03
N LEU B 178 -15.59 14.44 -7.20
CA LEU B 178 -16.52 14.63 -6.09
C LEU B 178 -17.90 14.89 -6.66
N GLN B 179 -17.97 15.77 -7.64
CA GLN B 179 -19.25 16.11 -8.27
C GLN B 179 -19.90 14.92 -8.97
N ALA B 180 -19.09 14.11 -9.65
CA ALA B 180 -19.61 12.90 -10.30
C ALA B 180 -20.23 11.93 -9.29
N ASN B 181 -19.74 11.95 -8.04
CA ASN B 181 -20.25 11.07 -6.99
C ASN B 181 -21.18 11.77 -6.00
N ASN B 182 -21.63 12.96 -6.39
CA ASN B 182 -22.54 13.76 -5.59
C ASN B 182 -22.08 13.97 -4.17
N LEU B 183 -20.78 14.29 -4.06
CA LEU B 183 -20.16 14.69 -2.82
C LEU B 183 -19.73 16.14 -2.92
N LYS B 184 -19.64 16.79 -1.77
CA LYS B 184 -19.16 18.16 -1.71
C LYS B 184 -18.01 18.29 -0.73
N GLU B 185 -17.02 19.07 -1.13
CA GLU B 185 -15.85 19.35 -0.32
C GLU B 185 -16.19 20.36 0.76
N VAL B 186 -15.98 20.00 2.03
CA VAL B 186 -16.34 20.88 3.15
C VAL B 186 -15.18 21.44 3.95
N LYS B 187 -14.03 20.77 3.94
CA LYS B 187 -12.89 21.20 4.74
C LYS B 187 -11.56 20.65 4.22
N VAL B 188 -10.67 21.55 3.84
CA VAL B 188 -9.31 21.18 3.44
C VAL B 188 -8.49 20.87 4.69
N ILE B 189 -7.84 19.71 4.74
CA ILE B 189 -6.97 19.36 5.88
C ILE B 189 -5.48 19.35 5.55
N TYR B 190 -5.11 19.33 4.28
CA TYR B 190 -3.71 19.33 3.88
C TYR B 190 -3.61 19.78 2.41
N GLU B 191 -2.66 20.67 2.13
CA GLU B 191 -2.40 21.16 0.76
C GLU B 191 -1.11 20.51 0.28
N SER B 192 -1.11 19.97 -0.93
CA SER B 192 0.03 19.22 -1.43
C SER B 192 0.44 19.63 -2.84
N ARG B 193 1.72 19.44 -3.11
CA ARG B 193 2.28 19.51 -4.45
C ARG B 193 3.44 18.53 -4.49
N ALA B 194 3.95 18.24 -5.69
CA ALA B 194 5.14 17.41 -5.81
C ALA B 194 6.36 18.14 -5.21
N CYS B 195 7.28 17.37 -4.65
CA CYS B 195 8.50 17.95 -4.10
C CYS B 195 9.68 17.06 -4.39
N LEU B 196 10.85 17.66 -4.36
CA LEU B 196 12.10 16.96 -4.56
C LEU B 196 12.78 16.86 -3.20
N ILE B 197 13.06 15.62 -2.80
CA ILE B 197 13.67 15.33 -1.52
C ILE B 197 14.95 14.53 -1.68
N GLN B 198 15.77 14.56 -0.63
CA GLN B 198 17.06 13.90 -0.61
C GLN B 198 17.21 13.15 0.70
N LYS B 199 17.92 12.04 0.68
CA LYS B 199 18.15 11.28 1.90
C LYS B 199 18.95 12.10 2.88
N GLU B 200 18.93 11.68 4.14
CA GLU B 200 19.54 12.45 5.21
C GLU B 200 21.06 12.40 5.24
N ASN B 201 21.62 11.21 5.14
CA ASN B 201 23.07 11.08 5.27
C ASN B 201 23.82 11.72 4.10
N ALA B 202 24.91 12.38 4.43
CA ALA B 202 25.68 13.15 3.48
C ALA B 202 26.11 12.28 2.31
N LEU B 203 26.03 12.87 1.13
CA LEU B 203 26.52 12.25 -0.08
C LEU B 203 28.00 12.50 -0.18
N SER B 204 28.66 11.71 -1.01
CA SER B 204 30.05 11.98 -1.39
C SER B 204 30.15 13.40 -1.98
N LYS B 205 31.34 13.98 -1.93
CA LYS B 205 31.58 15.31 -2.48
C LYS B 205 31.17 15.35 -3.97
N GLU B 206 31.50 14.30 -4.73
CA GLU B 206 31.12 14.21 -6.16
C GLU B 206 29.60 14.17 -6.42
N LYS B 207 28.88 13.33 -5.68
CA LYS B 207 27.42 13.23 -5.82
C LYS B 207 26.73 14.52 -5.39
N GLN B 208 27.20 15.13 -4.31
CA GLN B 208 26.61 16.36 -3.83
C GLN B 208 26.82 17.50 -4.83
N ALA B 209 28.00 17.57 -5.44
CA ALA B 209 28.27 18.57 -6.49
C ALA B 209 27.34 18.35 -7.68
N LEU B 210 27.07 17.10 -8.04
CA LEU B 210 26.10 16.80 -9.09
C LEU B 210 24.68 17.24 -8.66
N VAL B 211 24.29 16.97 -7.43
CA VAL B 211 22.97 17.42 -6.95
C VAL B 211 22.91 18.96 -7.01
N ASP B 212 23.97 19.63 -6.57
CA ASP B 212 24.01 21.09 -6.57
C ASP B 212 23.76 21.65 -7.97
N LYS B 213 24.46 21.06 -8.94
CA LYS B 213 24.34 21.42 -10.35
C LYS B 213 22.90 21.22 -10.86
N ILE B 214 22.31 20.09 -10.54
CA ILE B 214 20.91 19.81 -10.90
C ILE B 214 19.94 20.84 -10.27
N MET B 215 20.16 21.17 -8.99
CA MET B 215 19.29 22.12 -8.30
C MET B 215 19.29 23.51 -8.91
N LEU B 216 20.47 24.02 -9.30
CA LEU B 216 20.53 25.27 -10.05
C LEU B 216 19.67 25.22 -11.32
N ARG B 217 19.70 24.10 -12.03
CA ARG B 217 18.88 23.94 -13.24
C ARG B 217 17.38 23.83 -12.96
N VAL B 218 17.01 23.10 -11.91
CA VAL B 218 15.61 23.02 -11.48
C VAL B 218 15.05 24.43 -11.25
N ALA B 219 15.80 25.23 -10.50
CA ALA B 219 15.42 26.62 -10.25
C ALA B 219 15.24 27.41 -11.55
N GLY B 220 16.21 27.30 -12.44
CA GLY B 220 16.15 27.98 -13.74
C GLY B 220 14.97 27.51 -14.60
N VAL B 221 14.71 26.22 -14.59
CA VAL B 221 13.58 25.68 -15.33
C VAL B 221 12.25 26.22 -14.81
N MET B 222 12.10 26.23 -13.49
CA MET B 222 10.84 26.68 -12.90
C MET B 222 10.61 28.18 -13.13
N GLN B 223 11.68 28.97 -13.05
CA GLN B 223 11.61 30.42 -13.35
C GLN B 223 11.16 30.68 -14.79
N ALA B 224 11.73 29.93 -15.72
CA ALA B 224 11.42 30.04 -17.14
C ALA B 224 10.01 29.55 -17.50
N ARG B 225 9.39 28.77 -16.61
CA ARG B 225 8.02 28.27 -16.82
C ARG B 225 6.91 29.18 -16.26
N GLU B 226 7.27 30.33 -15.68
CA GLU B 226 6.26 31.24 -15.08
C GLU B 226 5.64 32.27 -16.06
#